data_6DUL
#
_entry.id   6DUL
#
_entity_poly.entity_id   1
_entity_poly.type   'polypeptide(L)'
_entity_poly.pdbx_seq_one_letter_code
;INLKALAALAKKIL(NH2)
;
_entity_poly.pdbx_strand_id   A
#
# COMPACT_ATOMS: atom_id res chain seq x y z
N ILE A 1 0.62 5.72 8.64
CA ILE A 1 2.10 5.81 8.75
C ILE A 1 2.66 6.35 7.44
N ASN A 2 3.47 5.55 6.75
CA ASN A 2 4.06 5.98 5.49
C ASN A 2 3.36 5.31 4.31
N LEU A 3 3.91 5.55 3.11
CA LEU A 3 3.36 4.98 1.89
C LEU A 3 3.51 3.48 1.89
N LYS A 4 4.50 3.01 2.64
CA LYS A 4 4.78 1.60 2.72
C LYS A 4 3.50 0.83 3.06
N ALA A 5 2.78 1.31 4.06
CA ALA A 5 1.53 0.67 4.44
C ALA A 5 0.51 0.81 3.32
N LEU A 6 0.41 2.01 2.78
CA LEU A 6 -0.53 2.27 1.70
C LEU A 6 -0.18 1.42 0.50
N ALA A 7 1.12 1.36 0.21
CA ALA A 7 1.59 0.58 -0.92
C ALA A 7 1.29 -0.90 -0.70
N ALA A 8 1.35 -1.33 0.54
CA ALA A 8 1.09 -2.73 0.86
C ALA A 8 -0.31 -3.13 0.41
N LEU A 9 -1.30 -2.36 0.80
CA LEU A 9 -2.67 -2.65 0.39
C LEU A 9 -2.83 -2.36 -1.09
N ALA A 10 -2.31 -1.21 -1.51
CA ALA A 10 -2.38 -0.81 -2.91
C ALA A 10 -1.78 -1.88 -3.79
N LYS A 11 -0.73 -2.54 -3.31
CA LYS A 11 -0.08 -3.59 -4.08
C LYS A 11 -1.10 -4.60 -4.59
N LYS A 12 -2.09 -4.88 -3.76
CA LYS A 12 -3.13 -5.82 -4.15
C LYS A 12 -4.07 -5.19 -5.16
N ILE A 13 -4.28 -3.89 -5.04
CA ILE A 13 -5.14 -3.17 -5.95
C ILE A 13 -4.41 -2.92 -7.26
N LEU A 14 -3.14 -2.55 -7.14
CA LEU A 14 -2.32 -2.29 -8.32
C LEU A 14 -2.07 -3.59 -9.09
N ILE A 1 -1.73 6.23 8.16
CA ILE A 1 -0.57 5.33 7.88
C ILE A 1 0.36 6.03 6.88
N ASN A 2 1.49 5.41 6.60
CA ASN A 2 2.47 5.98 5.68
C ASN A 2 2.38 5.29 4.32
N LEU A 3 3.35 5.59 3.48
CA LEU A 3 3.39 5.04 2.13
C LEU A 3 3.58 3.54 2.16
N LYS A 4 4.36 3.06 3.13
CA LYS A 4 4.62 1.65 3.23
C LYS A 4 3.31 0.87 3.30
N ALA A 5 2.41 1.33 4.16
CA ALA A 5 1.12 0.67 4.30
C ALA A 5 0.30 0.82 3.04
N LEU A 6 0.29 2.04 2.50
CA LEU A 6 -0.45 2.33 1.28
C LEU A 6 0.06 1.44 0.16
N ALA A 7 1.38 1.35 0.08
CA ALA A 7 2.01 0.54 -0.95
C ALA A 7 1.69 -0.93 -0.75
N ALA A 8 1.57 -1.32 0.51
CA ALA A 8 1.28 -2.71 0.85
C ALA A 8 -0.11 -3.11 0.37
N LEU A 9 -1.09 -2.29 0.69
CA LEU A 9 -2.47 -2.59 0.26
C LEU A 9 -2.60 -2.34 -1.24
N ALA A 10 -2.05 -1.23 -1.70
CA ALA A 10 -2.12 -0.88 -3.11
C ALA A 10 -1.60 -2.01 -3.99
N LYS A 11 -0.56 -2.68 -3.53
CA LYS A 11 0.03 -3.78 -4.29
C LYS A 11 -1.07 -4.77 -4.69
N LYS A 12 -2.05 -4.94 -3.80
CA LYS A 12 -3.15 -5.85 -4.07
C LYS A 12 -4.17 -5.20 -5.00
N ILE A 13 -4.38 -3.90 -4.82
CA ILE A 13 -5.34 -3.18 -5.65
C ILE A 13 -4.77 -2.89 -7.03
N LEU A 14 -3.49 -2.51 -7.06
CA LEU A 14 -2.84 -2.20 -8.32
C LEU A 14 -2.66 -3.46 -9.16
N ILE A 1 0.68 4.04 8.46
CA ILE A 1 1.33 5.34 8.77
C ILE A 1 1.69 6.07 7.48
N ASN A 2 2.74 5.61 6.80
CA ASN A 2 3.16 6.22 5.54
C ASN A 2 2.45 5.59 4.37
N LEU A 3 2.87 5.95 3.17
CA LEU A 3 2.29 5.42 1.95
C LEU A 3 2.58 3.94 1.84
N LYS A 4 3.75 3.56 2.32
CA LYS A 4 4.19 2.19 2.28
C LYS A 4 3.12 1.27 2.86
N ALA A 5 2.57 1.66 4.00
CA ALA A 5 1.52 0.87 4.63
C ALA A 5 0.35 0.74 3.69
N LEU A 6 0.01 1.84 3.02
CA LEU A 6 -1.08 1.86 2.08
C LEU A 6 -0.70 1.04 0.85
N ALA A 7 0.55 1.15 0.47
CA ALA A 7 1.05 0.41 -0.69
C ALA A 7 0.78 -1.07 -0.51
N ALA A 8 0.82 -1.52 0.73
CA ALA A 8 0.54 -2.93 1.02
C ALA A 8 -0.84 -3.28 0.52
N LEU A 9 -1.77 -2.38 0.78
CA LEU A 9 -3.15 -2.55 0.34
C LEU A 9 -3.21 -2.35 -1.17
N ALA A 10 -2.56 -1.30 -1.62
CA ALA A 10 -2.52 -0.96 -3.05
C ALA A 10 -1.86 -2.07 -3.86
N LYS A 11 -0.88 -2.75 -3.27
CA LYS A 11 -0.16 -3.80 -3.96
C LYS A 11 -1.12 -4.80 -4.62
N LYS A 12 -2.25 -5.05 -3.97
CA LYS A 12 -3.24 -5.96 -4.51
C LYS A 12 -3.92 -5.34 -5.72
N ILE A 13 -4.05 -4.02 -5.69
CA ILE A 13 -4.67 -3.30 -6.80
C ILE A 13 -3.63 -3.07 -7.88
N LEU A 14 -2.42 -2.72 -7.46
CA LEU A 14 -1.32 -2.47 -8.38
C LEU A 14 -0.87 -3.78 -9.02
N ILE A 1 1.90 3.63 10.72
CA ILE A 1 3.08 3.43 9.83
C ILE A 1 3.01 4.41 8.68
N ASN A 2 4.14 4.58 7.98
CA ASN A 2 4.22 5.51 6.86
C ASN A 2 3.44 5.01 5.65
N LEU A 3 3.64 5.72 4.55
CA LEU A 3 2.97 5.43 3.29
C LEU A 3 3.24 4.01 2.83
N LYS A 4 4.33 3.43 3.30
CA LYS A 4 4.68 2.08 2.88
C LYS A 4 3.50 1.15 3.09
N ALA A 5 2.78 1.39 4.17
CA ALA A 5 1.60 0.56 4.48
C ALA A 5 0.62 0.65 3.33
N LEU A 6 0.41 1.86 2.81
CA LEU A 6 -0.50 2.06 1.70
C LEU A 6 -0.04 1.24 0.50
N ALA A 7 1.25 1.30 0.24
CA ALA A 7 1.84 0.55 -0.86
C ALA A 7 1.57 -0.93 -0.69
N ALA A 8 1.43 -1.34 0.57
CA ALA A 8 1.16 -2.74 0.87
C ALA A 8 -0.23 -3.12 0.40
N LEU A 9 -1.19 -2.27 0.73
CA LEU A 9 -2.58 -2.49 0.34
C LEU A 9 -2.73 -2.28 -1.16
N ALA A 10 -2.16 -1.19 -1.66
CA ALA A 10 -2.23 -0.86 -3.08
C ALA A 10 -1.73 -2.02 -3.93
N LYS A 11 -0.74 -2.74 -3.43
CA LYS A 11 -0.16 -3.86 -4.16
C LYS A 11 -1.26 -4.83 -4.60
N LYS A 12 -2.29 -4.95 -3.78
CA LYS A 12 -3.40 -5.85 -4.09
C LYS A 12 -4.34 -5.23 -5.11
N ILE A 13 -4.39 -3.90 -5.13
CA ILE A 13 -5.26 -3.21 -6.06
C ILE A 13 -4.53 -2.94 -7.38
N LEU A 14 -3.28 -2.55 -7.27
CA LEU A 14 -2.48 -2.25 -8.45
C LEU A 14 -1.87 -3.54 -9.00
N ILE A 1 1.78 4.11 8.33
CA ILE A 1 1.78 5.60 8.49
C ILE A 1 2.16 6.24 7.16
N ASN A 2 3.09 5.63 6.44
CA ASN A 2 3.53 6.17 5.15
C ASN A 2 2.90 5.40 4.01
N LEU A 3 3.36 5.71 2.81
CA LEU A 3 2.86 5.05 1.62
C LEU A 3 3.11 3.56 1.72
N LYS A 4 4.16 3.20 2.43
CA LYS A 4 4.53 1.81 2.61
C LYS A 4 3.36 0.99 3.14
N ALA A 5 2.71 1.50 4.18
CA ALA A 5 1.58 0.80 4.78
C ALA A 5 0.45 0.69 3.77
N LEU A 6 0.19 1.79 3.07
CA LEU A 6 -0.86 1.84 2.07
C LEU A 6 -0.47 0.98 0.88
N ALA A 7 0.78 1.10 0.48
CA ALA A 7 1.29 0.33 -0.66
C ALA A 7 1.06 -1.15 -0.45
N ALA A 8 1.12 -1.58 0.80
CA ALA A 8 0.89 -2.98 1.11
C ALA A 8 -0.49 -3.38 0.63
N LEU A 9 -1.46 -2.55 0.95
CA LEU A 9 -2.84 -2.79 0.53
C LEU A 9 -2.99 -2.49 -0.94
N ALA A 10 -2.45 -1.35 -1.34
CA ALA A 10 -2.51 -0.88 -2.72
C ALA A 10 -1.82 -1.86 -3.68
N LYS A 11 -0.75 -2.49 -3.22
CA LYS A 11 0.00 -3.42 -4.08
C LYS A 11 -0.94 -4.42 -4.74
N LYS A 12 -1.93 -4.88 -4.00
CA LYS A 12 -2.88 -5.85 -4.54
C LYS A 12 -3.78 -5.17 -5.57
N ILE A 13 -4.12 -3.92 -5.32
CA ILE A 13 -4.97 -3.17 -6.23
C ILE A 13 -4.18 -2.75 -7.46
N LEU A 14 -2.95 -2.34 -7.21
CA LEU A 14 -2.07 -1.91 -8.30
C LEU A 14 -1.53 -3.13 -9.05
N ILE A 1 -0.34 3.44 8.13
CA ILE A 1 0.14 4.63 8.88
C ILE A 1 0.96 5.53 7.95
N ASN A 2 1.95 4.95 7.27
CA ASN A 2 2.80 5.72 6.38
C ASN A 2 2.50 5.40 4.93
N LEU A 3 3.34 5.90 4.03
CA LEU A 3 3.16 5.66 2.61
C LEU A 3 3.35 4.19 2.32
N LYS A 4 4.25 3.57 3.07
CA LYS A 4 4.53 2.17 2.91
C LYS A 4 3.25 1.35 3.01
N ALA A 5 2.43 1.68 4.01
CA ALA A 5 1.18 0.98 4.21
C ALA A 5 0.31 1.11 2.96
N LEU A 6 0.25 2.32 2.41
CA LEU A 6 -0.53 2.56 1.21
C LEU A 6 -0.02 1.67 0.09
N ALA A 7 1.29 1.60 -0.05
CA ALA A 7 1.89 0.76 -1.07
C ALA A 7 1.44 -0.67 -0.89
N ALA A 8 1.28 -1.06 0.37
CA ALA A 8 0.84 -2.41 0.67
C ALA A 8 -0.54 -2.66 0.08
N LEU A 9 -1.42 -1.70 0.25
CA LEU A 9 -2.77 -1.81 -0.29
C LEU A 9 -2.71 -1.85 -1.80
N ALA A 10 -1.92 -0.96 -2.37
CA ALA A 10 -1.77 -0.86 -3.81
C ALA A 10 -1.41 -2.22 -4.40
N LYS A 11 -0.54 -2.95 -3.73
CA LYS A 11 -0.14 -4.27 -4.22
C LYS A 11 -1.38 -5.13 -4.48
N LYS A 12 -2.35 -5.05 -3.59
CA LYS A 12 -3.57 -5.83 -3.73
C LYS A 12 -4.44 -5.23 -4.82
N ILE A 13 -4.41 -3.91 -4.92
CA ILE A 13 -5.20 -3.22 -5.93
C ILE A 13 -4.60 -3.48 -7.31
N LEU A 14 -3.28 -3.50 -7.35
CA LEU A 14 -2.58 -3.75 -8.60
C LEU A 14 -2.45 -5.24 -8.84
N ILE A 1 0.32 5.10 8.78
CA ILE A 1 1.71 5.61 8.76
C ILE A 1 2.02 6.14 7.36
N ASN A 2 3.17 5.77 6.82
CA ASN A 2 3.56 6.26 5.49
C ASN A 2 2.87 5.49 4.37
N LEU A 3 3.27 5.80 3.15
CA LEU A 3 2.70 5.17 1.97
C LEU A 3 3.05 3.69 1.93
N LYS A 4 4.17 3.36 2.57
CA LYS A 4 4.62 1.97 2.57
C LYS A 4 3.52 1.05 3.05
N ALA A 5 2.85 1.43 4.14
CA ALA A 5 1.77 0.62 4.67
C ALA A 5 0.59 0.63 3.71
N LEU A 6 0.34 1.78 3.11
CA LEU A 6 -0.76 1.93 2.17
C LEU A 6 -0.45 1.13 0.91
N ALA A 7 0.79 1.23 0.46
CA ALA A 7 1.22 0.52 -0.73
C ALA A 7 1.01 -0.97 -0.57
N ALA A 8 1.11 -1.44 0.67
CA ALA A 8 0.92 -2.85 0.94
C ALA A 8 -0.45 -3.27 0.47
N LEU A 9 -1.43 -2.45 0.77
CA LEU A 9 -2.80 -2.70 0.35
C LEU A 9 -2.90 -2.46 -1.15
N ALA A 10 -2.33 -1.34 -1.57
CA ALA A 10 -2.34 -0.96 -2.98
C ALA A 10 -1.75 -2.06 -3.85
N LYS A 11 -0.74 -2.75 -3.35
CA LYS A 11 -0.09 -3.81 -4.12
C LYS A 11 -1.14 -4.79 -4.67
N LYS A 12 -2.20 -4.99 -3.92
CA LYS A 12 -3.27 -5.88 -4.34
C LYS A 12 -4.17 -5.21 -5.36
N ILE A 13 -4.20 -3.88 -5.33
CA ILE A 13 -4.99 -3.11 -6.26
C ILE A 13 -4.18 -2.77 -7.50
N LEU A 14 -2.91 -2.47 -7.28
CA LEU A 14 -2.00 -2.14 -8.37
C LEU A 14 -1.75 -3.37 -9.24
N ILE A 1 0.19 4.01 8.00
CA ILE A 1 0.68 5.35 8.40
C ILE A 1 1.24 6.08 7.17
N ASN A 2 2.24 5.48 6.53
CA ASN A 2 2.85 6.10 5.36
C ASN A 2 2.36 5.43 4.08
N LEU A 3 2.98 5.81 2.98
CA LEU A 3 2.64 5.26 1.68
C LEU A 3 2.88 3.77 1.68
N LYS A 4 3.98 3.39 2.31
CA LYS A 4 4.35 1.99 2.39
C LYS A 4 3.21 1.18 2.99
N ALA A 5 2.62 1.69 4.06
CA ALA A 5 1.51 0.99 4.70
C ALA A 5 0.38 0.82 3.69
N LEU A 6 0.10 1.88 2.94
CA LEU A 6 -0.94 1.86 1.94
C LEU A 6 -0.53 0.98 0.78
N ALA A 7 0.75 1.06 0.44
CA ALA A 7 1.31 0.28 -0.66
C ALA A 7 1.00 -1.19 -0.46
N ALA A 8 0.98 -1.61 0.80
CA ALA A 8 0.69 -3.00 1.11
C ALA A 8 -0.68 -3.37 0.56
N LEU A 9 -1.64 -2.51 0.82
CA LEU A 9 -3.00 -2.69 0.34
C LEU A 9 -3.05 -2.44 -1.15
N ALA A 10 -2.44 -1.34 -1.55
CA ALA A 10 -2.40 -0.97 -2.97
C ALA A 10 -1.73 -2.06 -3.79
N LYS A 11 -0.74 -2.73 -3.20
CA LYS A 11 -0.02 -3.77 -3.91
C LYS A 11 -0.96 -4.78 -4.55
N LYS A 12 -2.11 -4.98 -3.93
CA LYS A 12 -3.09 -5.91 -4.44
C LYS A 12 -3.86 -5.30 -5.61
N ILE A 13 -4.12 -4.00 -5.52
CA ILE A 13 -4.86 -3.30 -6.56
C ILE A 13 -3.90 -2.83 -7.65
N LEU A 14 -2.75 -2.34 -7.22
CA LEU A 14 -1.74 -1.84 -8.13
C LEU A 14 -0.66 -2.90 -8.35
N ILE A 1 0.39 2.97 8.85
CA ILE A 1 -0.63 3.52 7.93
C ILE A 1 0.00 4.60 7.07
N ASN A 2 1.24 4.41 6.67
CA ASN A 2 1.93 5.41 5.88
C ASN A 2 2.09 4.98 4.42
N LEU A 3 2.96 5.66 3.70
CA LEU A 3 3.18 5.36 2.30
C LEU A 3 3.61 3.92 2.13
N LYS A 4 4.55 3.54 2.97
CA LYS A 4 5.06 2.19 2.94
C LYS A 4 3.92 1.20 3.09
N ALA A 5 3.03 1.48 4.05
CA ALA A 5 1.87 0.63 4.29
C ALA A 5 0.89 0.70 3.14
N LEU A 6 0.64 1.93 2.65
CA LEU A 6 -0.29 2.12 1.55
C LEU A 6 0.11 1.25 0.37
N ALA A 7 1.39 1.24 0.08
CA ALA A 7 1.91 0.45 -1.03
C ALA A 7 1.50 -1.02 -0.84
N ALA A 8 1.54 -1.47 0.40
CA ALA A 8 1.17 -2.84 0.72
C ALA A 8 -0.28 -3.09 0.31
N LEU A 9 -1.14 -2.14 0.67
CA LEU A 9 -2.55 -2.25 0.32
C LEU A 9 -2.72 -2.06 -1.17
N ALA A 10 -2.06 -1.03 -1.69
CA ALA A 10 -2.12 -0.74 -3.12
C ALA A 10 -1.71 -1.98 -3.92
N LYS A 11 -0.75 -2.72 -3.39
CA LYS A 11 -0.26 -3.92 -4.07
C LYS A 11 -1.42 -4.82 -4.45
N LYS A 12 -2.45 -4.82 -3.62
CA LYS A 12 -3.62 -5.64 -3.86
C LYS A 12 -4.52 -4.99 -4.91
N ILE A 13 -4.45 -3.67 -5.02
CA ILE A 13 -5.26 -2.95 -5.99
C ILE A 13 -4.56 -2.97 -7.35
N LEU A 14 -3.25 -2.80 -7.34
CA LEU A 14 -2.47 -2.81 -8.57
C LEU A 14 -2.55 -4.17 -9.23
N ILE A 1 2.64 3.87 8.76
CA ILE A 1 3.39 5.12 9.10
C ILE A 1 3.85 5.79 7.80
N ASN A 2 4.42 5.00 6.89
CA ASN A 2 4.89 5.55 5.62
C ASN A 2 3.99 5.12 4.46
N LEU A 3 4.42 5.43 3.25
CA LEU A 3 3.66 5.07 2.06
C LEU A 3 3.61 3.56 1.93
N LYS A 4 4.60 2.91 2.52
CA LYS A 4 4.69 1.46 2.47
C LYS A 4 3.38 0.84 2.93
N ALA A 5 2.82 1.39 3.99
CA ALA A 5 1.56 0.86 4.51
C ALA A 5 0.49 0.94 3.43
N LEU A 6 0.44 2.07 2.74
CA LEU A 6 -0.53 2.25 1.67
C LEU A 6 -0.22 1.31 0.53
N ALA A 7 1.05 1.28 0.16
CA ALA A 7 1.52 0.43 -0.92
C ALA A 7 1.16 -1.02 -0.64
N ALA A 8 1.20 -1.40 0.62
CA ALA A 8 0.87 -2.77 1.01
C ALA A 8 -0.54 -3.10 0.57
N LEU A 9 -1.46 -2.20 0.84
CA LEU A 9 -2.85 -2.39 0.46
C LEU A 9 -2.99 -2.23 -1.05
N ALA A 10 -2.39 -1.16 -1.56
CA ALA A 10 -2.44 -0.85 -2.99
C ALA A 10 -1.76 -1.94 -3.84
N LYS A 11 -0.70 -2.52 -3.31
CA LYS A 11 0.03 -3.56 -4.05
C LYS A 11 -0.90 -4.60 -4.63
N LYS A 12 -1.88 -5.01 -3.84
CA LYS A 12 -2.83 -6.02 -4.29
C LYS A 12 -3.87 -5.44 -5.24
N ILE A 13 -4.13 -4.14 -5.10
CA ILE A 13 -5.10 -3.50 -5.98
C ILE A 13 -4.43 -3.01 -7.26
N LEU A 14 -3.23 -2.46 -7.12
CA LEU A 14 -2.50 -1.95 -8.27
C LEU A 14 -2.06 -3.12 -9.16
#